data_6CCW
#
_entry.id   6CCW
#
loop_
_entity.id
_entity.type
_entity.pdbx_description
1 polymer 'DNA (26-MER)'
2 non-polymer Epiberberine
#
_entity_poly.entity_id   1
_entity_poly.type   'polydeoxyribonucleotide'
_entity_poly.pdbx_seq_one_letter_code
;(DT)(DT)(DA)(DG)(DG)(DG)(DT)(DT)(DA)(DG)(DG)(DG)(DT)(DT)(DA)(DG)(DG)(DG)(DT)(DT)
(DA)(DG)(DG)(DG)(DT)(DT)
;
_entity_poly.pdbx_strand_id   A
#